data_9F2K
#
_entry.id   9F2K
#
_cell.length_a   1.00
_cell.length_b   1.00
_cell.length_c   1.00
_cell.angle_alpha   90.00
_cell.angle_beta   90.00
_cell.angle_gamma   90.00
#
_symmetry.space_group_name_H-M   'P 1'
#
loop_
_entity.id
_entity.type
_entity.pdbx_description
1 polymer 'inositol-3-phosphate synthase'
2 non-polymer NICOTINAMIDE-ADENINE-DINUCLEOTIDE
#
_entity_poly.entity_id   1
_entity_poly.type   'polypeptide(L)'
_entity_poly.pdbx_seq_one_letter_code
;IFKVNSPNVVYTDDEIRSKYVYRTTEVTTAEDGSLIATPRETVYDFKVDRKLPKLGVMLVGWGGNNGSTITAGIIANRRG
LVWETRNGKQEANYYGSVIMGSTIKLGTDAKTHKDINIPFHSVLPMVHPNDIVIGGWDISGLNLADAMDRAQVLEPSLKA
LVRKEMASMKPLPSIYYPDFIAANQEDRADNILPGNKKCWEHVEEIRKNIRDFKAANGLDKVIVLWTANTERYASIIEGV
NDTADNLLNAIKNGHEEVSPSTVFAVSSILEGVPFINGSPQNTFVPGCIELAERHGAFIGGDDFKSGQTKMKSALVDFLI
NAGIKLTSIASYNHLGNNDGKNLSSQRQFRSKEISKSNVVDDMVEANTVLYKPGEHPDHIVVIKYVPAVGDSKRAMDEYH
GEIFLGGHQTISIANVCEDSLLASPLIIDLVIVAELMTRIQWRLHKEDATEADWKYFHSVLSILSYMLKAPMTPPGTPVV
NALAKQRAAMANIFRACLGLDPENDMTLEHKLF
;
_entity_poly.pdbx_strand_id   A
#
# COMPACT_ATOMS: atom_id res chain seq x y z
N ILE A 1 26.64 -5.32 1.61
CA ILE A 1 26.70 -3.87 1.69
C ILE A 1 27.47 -3.30 0.50
N PHE A 2 27.26 -2.02 0.23
CA PHE A 2 27.95 -1.34 -0.86
C PHE A 2 28.00 0.15 -0.55
N LYS A 3 28.91 0.84 -1.22
CA LYS A 3 29.03 2.28 -1.10
C LYS A 3 29.17 2.90 -2.49
N VAL A 4 28.83 4.17 -2.58
CA VAL A 4 28.86 4.91 -3.84
C VAL A 4 30.09 5.80 -3.85
N ASN A 5 30.92 5.65 -4.88
CA ASN A 5 32.13 6.46 -5.04
C ASN A 5 31.80 7.58 -6.02
N SER A 6 31.46 8.76 -5.48
CA SER A 6 31.10 9.88 -6.33
C SER A 6 31.27 11.16 -5.54
N PRO A 7 31.78 12.23 -6.16
CA PRO A 7 31.84 13.52 -5.45
C PRO A 7 30.47 14.04 -5.03
N ASN A 8 29.41 13.63 -5.72
CA ASN A 8 28.05 14.10 -5.43
C ASN A 8 27.46 13.44 -4.20
N VAL A 9 27.98 12.30 -3.77
CA VAL A 9 27.45 11.56 -2.63
C VAL A 9 28.42 11.70 -1.47
N VAL A 10 27.93 12.22 -0.34
CA VAL A 10 28.73 12.40 0.86
C VAL A 10 28.12 11.53 1.95
N TYR A 11 28.93 10.64 2.50
CA TYR A 11 28.49 9.73 3.55
C TYR A 11 28.92 10.25 4.91
N THR A 12 27.96 10.38 5.80
CA THR A 12 28.22 10.66 7.20
C THR A 12 27.55 9.54 8.00
N ASP A 13 28.02 9.31 9.23
CA ASP A 13 27.44 8.27 10.07
C ASP A 13 25.96 8.51 10.39
N ASP A 14 25.45 9.74 10.24
CA ASP A 14 24.03 10.00 10.45
C ASP A 14 23.26 10.35 9.18
N GLU A 15 23.92 10.72 8.09
CA GLU A 15 23.23 11.20 6.92
C GLU A 15 23.93 10.74 5.65
N ILE A 16 23.17 10.70 4.55
CA ILE A 16 23.64 10.24 3.24
C ILE A 16 23.45 11.37 2.24
N ARG A 17 23.68 12.61 2.66
CA ARG A 17 23.55 13.80 1.81
C ARG A 17 24.09 13.54 0.42
N SER A 18 23.23 13.71 -0.59
CA SER A 18 23.58 13.39 -1.96
C SER A 18 23.00 14.44 -2.89
N LYS A 19 23.61 14.54 -4.07
CA LYS A 19 23.20 15.48 -5.11
C LYS A 19 22.75 14.68 -6.32
N TYR A 20 21.60 15.04 -6.88
CA TYR A 20 20.99 14.30 -7.97
C TYR A 20 20.51 15.27 -9.03
N VAL A 21 20.56 14.82 -10.29
CA VAL A 21 20.07 15.60 -11.41
C VAL A 21 18.89 14.87 -12.01
N TYR A 22 17.69 15.39 -11.77
CA TYR A 22 16.46 14.83 -12.33
C TYR A 22 16.33 15.30 -13.78
N ARG A 23 16.45 14.37 -14.71
CA ARG A 23 16.38 14.66 -16.15
C ARG A 23 15.07 14.14 -16.69
N THR A 24 14.28 15.05 -17.29
CA THR A 24 12.98 14.70 -17.86
C THR A 24 12.83 15.41 -19.20
N THR A 25 11.66 15.22 -19.80
CA THR A 25 11.30 15.87 -21.06
C THR A 25 10.01 16.64 -20.88
N GLU A 26 9.99 17.88 -21.35
CA GLU A 26 8.82 18.74 -21.29
C GLU A 26 8.28 18.95 -22.70
N VAL A 27 6.96 18.85 -22.85
CA VAL A 27 6.30 18.96 -24.14
C VAL A 27 5.46 20.21 -24.16
N THR A 28 5.70 21.06 -25.17
CA THR A 28 4.90 22.26 -25.41
C THR A 28 4.42 22.22 -26.85
N THR A 29 3.24 22.82 -27.07
CA THR A 29 2.63 22.81 -28.40
C THR A 29 3.15 23.99 -29.22
N ALA A 30 3.58 23.70 -30.44
CA ALA A 30 4.11 24.72 -31.33
C ALA A 30 2.97 25.54 -31.92
N GLU A 31 3.35 26.56 -32.70
CA GLU A 31 2.34 27.42 -33.33
C GLU A 31 1.52 26.64 -34.35
N ASP A 32 2.16 25.77 -35.14
CA ASP A 32 1.47 24.97 -36.14
C ASP A 32 0.84 23.71 -35.58
N GLY A 33 0.72 23.60 -34.25
CA GLY A 33 0.06 22.48 -33.63
C GLY A 33 0.95 21.28 -33.33
N SER A 34 2.21 21.30 -33.76
CA SER A 34 3.11 20.19 -33.49
C SER A 34 3.63 20.24 -32.05
N LEU A 35 4.34 19.19 -31.66
CA LEU A 35 4.87 19.07 -30.31
C LEU A 35 6.35 19.39 -30.29
N ILE A 36 6.80 20.06 -29.24
CA ILE A 36 8.20 20.38 -29.02
C ILE A 36 8.64 19.71 -27.73
N ALA A 37 9.71 18.91 -27.82
CA ALA A 37 10.24 18.19 -26.67
C ALA A 37 11.54 18.86 -26.24
N THR A 38 11.58 19.33 -24.99
CA THR A 38 12.73 20.00 -24.45
C THR A 38 13.28 19.21 -23.27
N PRO A 39 14.58 18.86 -23.28
CA PRO A 39 15.17 18.23 -22.09
C PRO A 39 15.25 19.21 -20.93
N ARG A 40 14.82 18.76 -19.76
CA ARG A 40 14.83 19.57 -18.56
C ARG A 40 15.65 18.89 -17.47
N GLU A 41 16.38 19.69 -16.71
CA GLU A 41 17.21 19.20 -15.61
C GLU A 41 16.87 19.99 -14.37
N THR A 42 16.56 19.29 -13.28
CA THR A 42 16.33 19.89 -11.98
C THR A 42 17.34 19.28 -11.01
N VAL A 43 18.15 20.13 -10.38
CA VAL A 43 19.19 19.67 -9.47
C VAL A 43 18.60 19.63 -8.07
N TYR A 44 18.64 18.44 -7.46
CA TYR A 44 18.00 18.19 -6.18
C TYR A 44 19.05 17.75 -5.17
N ASP A 45 18.85 18.15 -3.91
CA ASP A 45 19.68 17.69 -2.80
C ASP A 45 18.82 16.80 -1.92
N PHE A 46 19.26 15.57 -1.70
CA PHE A 46 18.54 14.60 -0.90
C PHE A 46 19.30 14.30 0.39
N LYS A 47 18.56 14.20 1.49
CA LYS A 47 19.12 13.88 2.79
C LYS A 47 18.38 12.68 3.36
N VAL A 48 19.12 11.62 3.66
CA VAL A 48 18.56 10.37 4.18
C VAL A 48 19.10 10.15 5.58
N ASP A 49 18.22 9.99 6.55
CA ASP A 49 18.61 9.76 7.93
C ASP A 49 18.97 8.29 8.11
N ARG A 50 20.22 8.02 8.50
CA ARG A 50 20.70 6.64 8.57
C ARG A 50 20.18 5.90 9.80
N LYS A 51 19.85 6.62 10.87
CA LYS A 51 19.45 5.96 12.11
C LYS A 51 18.12 5.24 11.92
N LEU A 52 18.07 3.98 12.36
CA LEU A 52 16.85 3.18 12.26
C LEU A 52 16.07 3.30 13.56
N PRO A 53 14.78 3.62 13.50
CA PRO A 53 13.98 3.76 14.72
C PRO A 53 13.35 2.43 15.14
N LYS A 54 12.85 2.41 16.37
CA LYS A 54 12.03 1.32 16.85
C LYS A 54 10.60 1.57 16.39
N LEU A 55 10.14 0.77 15.45
CA LEU A 55 8.90 1.03 14.72
C LEU A 55 7.77 0.15 15.25
N GLY A 56 6.62 0.78 15.44
CA GLY A 56 5.41 0.07 15.85
C GLY A 56 4.29 0.32 14.86
N VAL A 57 3.52 -0.72 14.57
CA VAL A 57 2.38 -0.63 13.68
C VAL A 57 1.13 -0.91 14.50
N MET A 58 0.14 -0.02 14.37
CA MET A 58 -1.14 -0.16 15.02
C MET A 58 -2.17 -0.56 13.97
N LEU A 59 -2.76 -1.73 14.15
CA LEU A 59 -3.68 -2.30 13.17
C LEU A 59 -5.12 -2.10 13.64
N VAL A 60 -5.95 -1.53 12.76
CA VAL A 60 -7.38 -1.42 12.98
C VAL A 60 -8.01 -2.62 12.28
N GLY A 61 -8.38 -3.64 13.06
CA GLY A 61 -8.74 -4.92 12.50
C GLY A 61 -7.67 -5.95 12.82
N TRP A 62 -7.13 -5.85 14.03
CA TRP A 62 -6.03 -6.72 14.43
C TRP A 62 -6.45 -8.19 14.45
N GLY A 63 -7.66 -8.47 14.92
CA GLY A 63 -8.17 -9.82 15.01
C GLY A 63 -8.76 -10.38 13.73
N GLY A 64 -8.53 -9.70 12.61
CA GLY A 64 -9.00 -10.15 11.33
C GLY A 64 -8.13 -11.25 10.76
N ASN A 65 -8.40 -11.56 9.48
CA ASN A 65 -7.61 -12.60 8.81
C ASN A 65 -6.19 -12.11 8.57
N ASN A 66 -6.05 -10.91 8.00
CA ASN A 66 -4.73 -10.38 7.65
C ASN A 66 -3.90 -10.01 8.88
N GLY A 67 -4.53 -9.41 9.89
CA GLY A 67 -3.78 -8.97 11.05
C GLY A 67 -3.21 -10.12 11.84
N SER A 68 -4.02 -11.15 12.09
CA SER A 68 -3.53 -12.34 12.78
C SER A 68 -2.44 -13.02 11.96
N THR A 69 -2.64 -13.08 10.63
CA THR A 69 -1.59 -13.70 9.82
C THR A 69 -0.27 -12.94 9.95
N ILE A 70 -0.35 -11.61 9.95
CA ILE A 70 0.89 -10.77 10.04
C ILE A 70 1.58 -11.05 11.38
N THR A 71 0.85 -10.92 12.49
CA THR A 71 1.51 -11.03 13.78
C THR A 71 2.12 -12.41 13.95
N ALA A 72 1.42 -13.46 13.46
CA ALA A 72 2.00 -14.80 13.49
C ALA A 72 3.24 -14.90 12.61
N GLY A 73 3.21 -14.33 11.40
CA GLY A 73 4.36 -14.44 10.51
C GLY A 73 5.57 -13.69 11.02
N ILE A 74 5.36 -12.52 11.61
CA ILE A 74 6.49 -11.79 12.20
C ILE A 74 7.09 -12.60 13.34
N ILE A 75 6.25 -13.21 14.18
CA ILE A 75 6.83 -14.06 15.22
C ILE A 75 7.61 -15.23 14.61
N ALA A 76 7.06 -15.86 13.56
CA ALA A 76 7.71 -17.01 12.96
C ALA A 76 9.06 -16.66 12.35
N ASN A 77 9.14 -15.52 11.65
CA ASN A 77 10.41 -15.11 11.06
C ASN A 77 11.39 -14.65 12.13
N ARG A 78 10.90 -13.99 13.19
CA ARG A 78 11.78 -13.52 14.25
C ARG A 78 12.43 -14.67 15.00
N ARG A 79 11.65 -15.72 15.28
CA ARG A 79 12.19 -16.87 16.00
C ARG A 79 12.85 -17.91 15.09
N GLY A 80 12.71 -17.76 13.79
CA GLY A 80 13.24 -18.78 12.88
C GLY A 80 12.58 -20.14 13.05
N LEU A 81 11.27 -20.16 13.17
CA LEU A 81 10.56 -21.40 13.49
C LEU A 81 10.51 -22.33 12.28
N VAL A 82 10.68 -23.62 12.53
CA VAL A 82 10.53 -24.66 11.53
C VAL A 82 9.36 -25.54 11.96
N TRP A 83 8.41 -25.75 11.05
CA TRP A 83 7.24 -26.56 11.34
C TRP A 83 7.10 -27.69 10.31
N GLU A 84 6.09 -28.54 10.52
CA GLU A 84 5.85 -29.74 9.71
C GLU A 84 4.68 -29.52 8.77
N THR A 85 4.91 -29.84 7.49
CA THR A 85 3.89 -29.93 6.47
C THR A 85 3.87 -31.39 5.99
N ARG A 86 2.92 -31.72 5.11
CA ARG A 86 2.91 -33.04 4.50
C ARG A 86 4.18 -33.27 3.67
N ASN A 87 4.68 -32.22 3.00
CA ASN A 87 5.88 -32.34 2.18
C ASN A 87 7.15 -32.44 3.01
N GLY A 88 7.10 -32.13 4.30
CA GLY A 88 8.27 -32.24 5.16
C GLY A 88 8.43 -31.08 6.10
N LYS A 89 9.59 -30.42 6.06
CA LYS A 89 9.93 -29.32 6.93
C LYS A 89 9.77 -27.99 6.21
N GLN A 90 9.22 -27.00 6.91
CA GLN A 90 9.00 -25.68 6.35
C GLN A 90 9.61 -24.63 7.27
N GLU A 91 10.42 -23.75 6.69
CA GLU A 91 11.03 -22.65 7.42
C GLU A 91 10.29 -21.36 7.11
N ALA A 92 10.44 -20.39 8.00
CA ALA A 92 9.80 -19.09 7.84
C ALA A 92 10.55 -18.26 6.81
N ASN A 93 9.79 -17.50 6.01
CA ASN A 93 10.37 -16.65 4.98
C ASN A 93 9.49 -15.42 4.81
N TYR A 94 9.93 -14.51 3.95
CA TYR A 94 9.17 -13.33 3.58
C TYR A 94 8.88 -13.33 2.08
N TYR A 95 8.49 -14.49 1.55
CA TYR A 95 8.10 -14.56 0.14
C TYR A 95 6.79 -13.83 -0.08
N GLY A 96 6.61 -13.32 -1.29
CA GLY A 96 5.49 -12.47 -1.60
C GLY A 96 5.69 -11.01 -1.27
N SER A 97 6.89 -10.62 -0.85
CA SER A 97 7.22 -9.24 -0.52
C SER A 97 8.23 -8.73 -1.54
N VAL A 98 7.94 -7.57 -2.14
CA VAL A 98 8.85 -7.04 -3.14
C VAL A 98 10.11 -6.49 -2.49
N ILE A 99 10.00 -5.93 -1.28
CA ILE A 99 11.17 -5.41 -0.60
C ILE A 99 12.03 -6.53 -0.03
N MET A 100 11.41 -7.53 0.59
CA MET A 100 12.13 -8.58 1.29
C MET A 100 12.37 -9.81 0.42
N GLY A 101 11.87 -9.85 -0.80
CA GLY A 101 12.01 -11.04 -1.62
C GLY A 101 12.42 -10.80 -3.05
N SER A 102 12.90 -9.59 -3.36
CA SER A 102 13.29 -9.24 -4.72
C SER A 102 14.60 -8.47 -4.69
N THR A 103 15.26 -8.45 -5.85
CA THR A 103 16.52 -7.76 -6.04
C THR A 103 16.38 -6.67 -7.10
N ILE A 104 17.30 -5.71 -7.07
CA ILE A 104 17.40 -4.68 -8.08
C ILE A 104 18.84 -4.61 -8.55
N LYS A 105 19.03 -4.09 -9.75
CA LYS A 105 20.35 -4.04 -10.38
C LYS A 105 21.10 -2.80 -9.92
N LEU A 106 22.29 -3.01 -9.35
CA LEU A 106 23.14 -1.92 -8.90
C LEU A 106 24.02 -1.40 -10.03
N GLY A 107 24.68 -2.29 -10.75
CA GLY A 107 25.52 -1.89 -11.86
C GLY A 107 26.08 -3.09 -12.57
N THR A 108 27.02 -2.83 -13.47
CA THR A 108 27.69 -3.87 -14.24
C THR A 108 29.10 -4.07 -13.71
N ASP A 109 29.55 -5.32 -13.72
CA ASP A 109 30.90 -5.63 -13.26
C ASP A 109 31.94 -5.12 -14.25
N ALA A 110 33.00 -4.52 -13.73
CA ALA A 110 34.06 -4.00 -14.59
C ALA A 110 34.78 -5.13 -15.32
N LYS A 111 35.04 -6.24 -14.64
CA LYS A 111 35.82 -7.32 -15.22
C LYS A 111 34.95 -8.36 -15.90
N THR A 112 33.97 -8.91 -15.16
CA THR A 112 33.17 -10.01 -15.68
C THR A 112 32.21 -9.58 -16.78
N HIS A 113 31.86 -8.30 -16.83
CA HIS A 113 30.85 -7.75 -17.73
C HIS A 113 29.45 -8.26 -17.44
N LYS A 114 29.22 -8.79 -16.24
CA LYS A 114 27.93 -9.31 -15.84
C LYS A 114 27.26 -8.36 -14.85
N ASP A 115 25.96 -8.54 -14.68
CA ASP A 115 25.17 -7.63 -13.87
C ASP A 115 25.33 -7.93 -12.38
N ILE A 116 25.38 -6.88 -11.57
CA ILE A 116 25.39 -7.00 -10.13
C ILE A 116 24.00 -6.71 -9.62
N ASN A 117 23.41 -7.67 -8.90
CA ASN A 117 22.07 -7.53 -8.36
C ASN A 117 22.16 -7.57 -6.84
N ILE A 118 21.54 -6.59 -6.18
CA ILE A 118 21.57 -6.51 -4.73
C ILE A 118 20.13 -6.53 -4.21
N PRO A 119 19.90 -7.01 -2.99
CA PRO A 119 18.52 -7.07 -2.48
C PRO A 119 17.88 -5.68 -2.41
N PHE A 120 16.57 -5.65 -2.66
CA PHE A 120 15.83 -4.40 -2.59
C PHE A 120 15.89 -3.78 -1.20
N HIS A 121 15.93 -4.63 -0.17
CA HIS A 121 15.97 -4.16 1.21
C HIS A 121 17.29 -3.49 1.56
N SER A 122 18.36 -3.74 0.81
CA SER A 122 19.69 -3.25 1.12
C SER A 122 20.07 -1.98 0.36
N VAL A 123 19.16 -1.44 -0.45
CA VAL A 123 19.49 -0.25 -1.24
C VAL A 123 19.66 0.97 -0.33
N LEU A 124 18.74 1.16 0.59
CA LEU A 124 18.72 2.29 1.49
C LEU A 124 18.58 1.79 2.92
N PRO A 125 19.03 2.57 3.92
CA PRO A 125 18.83 2.15 5.31
C PRO A 125 17.37 1.99 5.65
N MET A 126 16.95 0.75 5.91
CA MET A 126 15.55 0.41 6.07
C MET A 126 15.37 -0.43 7.33
N VAL A 127 14.19 -0.35 7.92
CA VAL A 127 13.88 -1.09 9.14
C VAL A 127 13.62 -2.56 8.80
N HIS A 128 14.21 -3.45 9.58
N HIS A 128 14.21 -3.45 9.57
CA HIS A 128 14.03 -4.89 9.36
CA HIS A 128 14.03 -4.87 9.34
C HIS A 128 12.67 -5.33 9.91
C HIS A 128 12.68 -5.32 9.90
N PRO A 129 11.89 -6.08 9.13
CA PRO A 129 10.55 -6.48 9.60
C PRO A 129 10.54 -7.35 10.85
N ASN A 130 11.66 -8.00 11.19
CA ASN A 130 11.69 -8.84 12.38
C ASN A 130 11.51 -8.05 13.67
N ASP A 131 11.73 -6.74 13.64
CA ASP A 131 11.71 -5.90 14.83
C ASP A 131 10.47 -5.02 14.92
N ILE A 132 9.41 -5.36 14.20
CA ILE A 132 8.20 -4.54 14.14
C ILE A 132 7.25 -4.98 15.26
N VAL A 133 6.76 -4.00 16.03
CA VAL A 133 5.81 -4.25 17.10
C VAL A 133 4.39 -4.05 16.55
N ILE A 134 3.47 -4.92 16.98
CA ILE A 134 2.11 -4.91 16.47
C ILE A 134 1.14 -4.65 17.62
N GLY A 135 0.04 -3.98 17.30
CA GLY A 135 -1.04 -3.73 18.23
C GLY A 135 -2.19 -3.08 17.49
N GLY A 136 -3.23 -2.71 18.23
CA GLY A 136 -4.28 -1.93 17.65
C GLY A 136 -5.64 -2.28 18.20
N TRP A 137 -6.67 -1.96 17.42
CA TRP A 137 -8.06 -2.02 17.84
C TRP A 137 -8.81 -3.10 17.07
N ASP A 138 -9.89 -3.58 17.68
CA ASP A 138 -10.83 -4.46 17.01
C ASP A 138 -12.16 -4.44 17.76
N ILE A 139 -13.25 -4.56 17.01
CA ILE A 139 -14.57 -4.63 17.62
C ILE A 139 -14.84 -5.97 18.27
N SER A 140 -14.02 -6.98 17.99
CA SER A 140 -14.12 -8.29 18.60
C SER A 140 -12.97 -8.45 19.58
N GLY A 141 -13.29 -8.82 20.82
CA GLY A 141 -12.32 -8.96 21.87
C GLY A 141 -11.57 -10.26 21.92
N LEU A 142 -11.75 -11.12 20.93
CA LEU A 142 -11.06 -12.40 20.93
C LEU A 142 -9.55 -12.20 20.82
N ASN A 143 -8.81 -12.95 21.62
CA ASN A 143 -7.36 -12.90 21.53
C ASN A 143 -6.90 -13.45 20.18
N LEU A 144 -5.64 -13.17 19.84
CA LEU A 144 -5.19 -13.43 18.49
C LEU A 144 -4.83 -14.89 18.23
N ALA A 145 -4.69 -15.72 19.26
CA ALA A 145 -4.61 -17.16 19.04
C ALA A 145 -5.98 -17.71 18.64
N ASP A 146 -7.01 -17.34 19.38
CA ASP A 146 -8.37 -17.71 18.99
C ASP A 146 -8.78 -17.05 17.69
N ALA A 147 -8.32 -15.82 17.44
CA ALA A 147 -8.55 -15.18 16.15
C ALA A 147 -7.83 -15.94 15.04
N MET A 148 -6.63 -16.45 15.31
CA MET A 148 -5.92 -17.29 14.34
C MET A 148 -6.72 -18.54 14.01
N ASP A 149 -7.29 -19.18 15.03
CA ASP A 149 -8.13 -20.35 14.78
C ASP A 149 -9.41 -19.98 14.05
N ARG A 150 -9.94 -18.78 14.28
CA ARG A 150 -11.11 -18.31 13.56
C ARG A 150 -10.79 -18.04 12.08
N ALA A 151 -9.56 -17.61 11.79
CA ALA A 151 -9.22 -17.20 10.43
C ALA A 151 -9.08 -18.39 9.49
N GLN A 152 -8.55 -19.51 9.98
CA GLN A 152 -8.33 -20.72 9.18
C GLN A 152 -7.37 -20.47 8.03
N VAL A 153 -6.20 -19.91 8.34
CA VAL A 153 -5.19 -19.61 7.34
C VAL A 153 -3.91 -20.41 7.56
N LEU A 154 -3.50 -20.62 8.80
CA LEU A 154 -2.19 -21.21 9.10
C LEU A 154 -2.30 -22.68 9.48
N GLU A 155 -1.21 -23.41 9.25
CA GLU A 155 -1.16 -24.84 9.55
C GLU A 155 -1.17 -25.06 11.06
N PRO A 156 -1.72 -26.19 11.53
CA PRO A 156 -1.74 -26.45 12.98
C PRO A 156 -0.36 -26.48 13.62
N SER A 157 0.66 -26.98 12.91
CA SER A 157 1.99 -27.09 13.50
C SER A 157 2.59 -25.72 13.79
N LEU A 158 2.38 -24.75 12.88
CA LEU A 158 2.84 -23.39 13.13
C LEU A 158 2.03 -22.72 14.23
N LYS A 159 0.71 -22.91 14.21
CA LYS A 159 -0.16 -22.31 15.22
C LYS A 159 0.21 -22.80 16.61
N ALA A 160 0.62 -24.08 16.73
CA ALA A 160 1.02 -24.60 18.02
C ALA A 160 2.23 -23.84 18.57
N LEU A 161 3.17 -23.49 17.70
CA LEU A 161 4.36 -22.76 18.16
C LEU A 161 4.03 -21.31 18.51
N VAL A 162 3.14 -20.65 17.75
CA VAL A 162 2.89 -19.22 17.96
C VAL A 162 1.73 -18.94 18.92
N ARG A 163 1.02 -19.97 19.36
CA ARG A 163 -0.20 -19.77 20.14
C ARG A 163 0.09 -19.19 21.52
N LYS A 164 1.19 -19.61 22.16
CA LYS A 164 1.46 -19.17 23.52
C LYS A 164 1.64 -17.66 23.60
N GLU A 165 2.40 -17.09 22.67
CA GLU A 165 2.64 -15.64 22.65
C GLU A 165 1.50 -14.87 22.01
N MET A 166 0.73 -15.49 21.12
CA MET A 166 -0.38 -14.77 20.52
C MET A 166 -1.66 -14.81 21.35
N ALA A 167 -1.68 -15.55 22.46
CA ALA A 167 -2.83 -15.56 23.36
C ALA A 167 -2.79 -14.46 24.40
N SER A 168 -1.66 -13.77 24.53
CA SER A 168 -1.53 -12.63 25.45
C SER A 168 -1.85 -11.31 24.78
N MET A 169 -2.16 -11.30 23.49
CA MET A 169 -2.46 -10.08 22.74
C MET A 169 -3.96 -9.93 22.61
N LYS A 170 -4.48 -8.82 23.12
CA LYS A 170 -5.91 -8.51 23.06
C LYS A 170 -6.10 -7.12 22.47
N PRO A 171 -6.87 -6.99 21.40
CA PRO A 171 -7.05 -5.67 20.77
C PRO A 171 -7.83 -4.71 21.66
N LEU A 172 -7.51 -3.43 21.52
CA LEU A 172 -8.23 -2.39 22.23
C LEU A 172 -9.63 -2.21 21.66
N PRO A 173 -10.56 -1.69 22.45
CA PRO A 173 -11.90 -1.40 21.93
C PRO A 173 -11.85 -0.39 20.79
N SER A 174 -12.74 -0.57 19.83
CA SER A 174 -12.81 0.30 18.67
C SER A 174 -14.17 0.99 18.63
N ILE A 175 -14.43 1.70 17.53
CA ILE A 175 -15.68 2.44 17.35
C ILE A 175 -16.49 1.75 16.26
N TYR A 176 -17.77 1.55 16.53
CA TYR A 176 -18.68 0.86 15.62
C TYR A 176 -19.82 1.79 15.25
N TYR A 177 -19.82 2.26 14.01
CA TYR A 177 -20.96 3.01 13.49
C TYR A 177 -21.79 2.07 12.64
N PRO A 178 -23.01 1.74 13.07
CA PRO A 178 -23.75 0.64 12.40
C PRO A 178 -24.04 0.89 10.94
N ASP A 179 -24.14 2.15 10.51
CA ASP A 179 -24.57 2.47 9.15
C ASP A 179 -23.54 2.06 8.10
N PHE A 180 -22.27 1.95 8.46
CA PHE A 180 -21.21 1.90 7.45
C PHE A 180 -20.80 0.48 7.05
N ILE A 181 -20.89 -0.49 7.96
CA ILE A 181 -20.59 -1.88 7.63
C ILE A 181 -21.89 -2.67 7.61
N ALA A 182 -21.81 -3.90 7.11
CA ALA A 182 -23.00 -4.69 6.80
C ALA A 182 -23.79 -5.04 8.06
N ALA A 183 -25.07 -5.34 7.85
CA ALA A 183 -25.97 -5.66 8.96
C ALA A 183 -25.66 -6.99 9.62
N ASN A 184 -24.91 -7.86 8.95
CA ASN A 184 -24.55 -9.16 9.51
C ASN A 184 -23.31 -9.10 10.39
N GLN A 185 -22.74 -7.92 10.60
CA GLN A 185 -21.60 -7.72 11.49
C GLN A 185 -22.02 -7.16 12.84
N GLU A 186 -23.31 -7.28 13.18
CA GLU A 186 -23.82 -6.79 14.46
C GLU A 186 -23.30 -7.65 15.62
N ASP A 187 -23.39 -8.97 15.48
CA ASP A 187 -23.02 -9.87 16.56
C ASP A 187 -21.52 -9.95 16.77
N ARG A 188 -20.71 -9.43 15.85
CA ARG A 188 -19.27 -9.46 16.02
C ARG A 188 -18.77 -8.42 17.02
N ALA A 189 -19.50 -7.31 17.15
CA ALA A 189 -19.03 -6.17 17.93
C ALA A 189 -19.39 -6.38 19.40
N ASP A 190 -18.39 -6.74 20.20
CA ASP A 190 -18.51 -6.77 21.65
C ASP A 190 -17.51 -5.86 22.35
N ASN A 191 -16.39 -5.56 21.70
CA ASN A 191 -15.38 -4.63 22.21
C ASN A 191 -15.52 -3.32 21.46
N ILE A 192 -16.44 -2.48 21.92
CA ILE A 192 -16.73 -1.21 21.27
C ILE A 192 -16.77 -0.12 22.31
N LEU A 193 -16.29 1.07 21.94
CA LEU A 193 -16.38 2.22 22.81
C LEU A 193 -17.84 2.68 22.93
N PRO A 194 -18.19 3.34 24.03
CA PRO A 194 -19.57 3.85 24.17
C PRO A 194 -19.90 4.89 23.10
N GLY A 195 -20.81 4.54 22.20
CA GLY A 195 -21.23 5.45 21.16
C GLY A 195 -21.35 4.80 19.80
N ASN A 196 -22.53 4.92 19.19
CA ASN A 196 -22.76 4.47 17.82
C ASN A 196 -22.67 5.60 16.82
N LYS A 197 -22.36 6.80 17.26
CA LYS A 197 -22.29 7.99 16.42
C LYS A 197 -20.91 8.61 16.50
N LYS A 198 -20.74 9.70 15.76
CA LYS A 198 -19.44 10.35 15.61
C LYS A 198 -19.33 11.44 16.67
N CYS A 199 -18.22 11.41 17.42
CA CYS A 199 -18.04 12.33 18.53
C CYS A 199 -16.55 12.67 18.65
N TRP A 200 -16.26 13.76 19.36
CA TRP A 200 -14.87 14.15 19.58
C TRP A 200 -14.20 13.30 20.66
N GLU A 201 -14.98 12.66 21.52
CA GLU A 201 -14.43 11.76 22.53
C GLU A 201 -13.73 10.57 21.87
N HIS A 202 -14.25 10.11 20.72
CA HIS A 202 -13.61 9.01 20.02
C HIS A 202 -12.22 9.41 19.55
N VAL A 203 -12.07 10.63 19.03
CA VAL A 203 -10.76 11.12 18.63
C VAL A 203 -9.84 11.19 19.84
N GLU A 204 -10.35 11.68 20.97
CA GLU A 204 -9.49 11.72 22.15
C GLU A 204 -9.04 10.33 22.57
N GLU A 205 -9.94 9.35 22.54
CA GLU A 205 -9.59 8.00 22.96
C GLU A 205 -8.59 7.37 22.01
N ILE A 206 -8.77 7.56 20.70
CA ILE A 206 -7.85 6.97 19.74
C ILE A 206 -6.45 7.61 19.87
N ARG A 207 -6.41 8.92 20.06
CA ARG A 207 -5.13 9.59 20.28
C ARG A 207 -4.46 9.08 21.55
N LYS A 208 -5.25 8.88 22.61
CA LYS A 208 -4.71 8.32 23.85
C LYS A 208 -4.13 6.93 23.61
N ASN A 209 -4.80 6.12 22.81
CA ASN A 209 -4.32 4.77 22.54
C ASN A 209 -2.99 4.81 21.77
N ILE A 210 -2.88 5.69 20.78
CA ILE A 210 -1.63 5.81 20.02
C ILE A 210 -0.51 6.26 20.96
N ARG A 211 -0.78 7.27 21.80
CA ARG A 211 0.20 7.75 22.77
C ARG A 211 0.67 6.62 23.67
N ASP A 212 -0.28 5.86 24.22
CA ASP A 212 0.06 4.82 25.19
C ASP A 212 0.82 3.68 24.53
N PHE A 213 0.46 3.33 23.30
CA PHE A 213 1.23 2.33 22.57
C PHE A 213 2.69 2.74 22.49
N LYS A 214 2.94 3.97 22.02
CA LYS A 214 4.32 4.41 21.88
C LYS A 214 5.02 4.47 23.23
N ALA A 215 4.34 4.96 24.27
CA ALA A 215 4.97 5.14 25.58
C ALA A 215 5.31 3.80 26.22
N ALA A 216 4.34 2.88 26.26
CA ALA A 216 4.55 1.60 26.93
C ALA A 216 5.58 0.76 26.18
N ASN A 217 5.51 0.73 24.85
CA ASN A 217 6.40 -0.17 24.12
C ASN A 217 7.83 0.37 24.04
N GLY A 218 8.00 1.68 24.07
CA GLY A 218 9.32 2.27 23.95
C GLY A 218 9.73 2.50 22.51
N LEU A 219 8.78 2.90 21.67
CA LEU A 219 8.98 3.04 20.24
C LEU A 219 9.32 4.48 19.87
N ASP A 220 10.04 4.63 18.76
CA ASP A 220 10.40 5.94 18.24
C ASP A 220 9.42 6.44 17.19
N LYS A 221 8.78 5.55 16.43
CA LYS A 221 7.83 5.93 15.40
C LYS A 221 6.66 4.94 15.41
N VAL A 222 5.49 5.45 15.06
CA VAL A 222 4.26 4.68 15.05
C VAL A 222 3.56 4.89 13.71
N ILE A 223 2.99 3.81 13.17
CA ILE A 223 2.22 3.86 11.93
C ILE A 223 0.90 3.13 12.14
N VAL A 224 -0.18 3.71 11.65
CA VAL A 224 -1.53 3.15 11.78
C VAL A 224 -1.98 2.65 10.43
N LEU A 225 -2.44 1.40 10.38
CA LEU A 225 -2.90 0.77 9.15
C LEU A 225 -4.31 0.26 9.33
N TRP A 226 -5.20 0.68 8.43
CA TRP A 226 -6.60 0.25 8.45
C TRP A 226 -6.72 -1.09 7.74
N THR A 227 -6.95 -2.15 8.52
CA THR A 227 -7.17 -3.48 7.97
C THR A 227 -8.51 -4.04 8.44
N ALA A 228 -9.53 -3.18 8.48
CA ALA A 228 -10.84 -3.54 8.97
C ALA A 228 -11.78 -3.80 7.79
N ASN A 229 -13.06 -3.99 8.08
CA ASN A 229 -14.04 -4.31 7.07
C ASN A 229 -14.20 -3.16 6.08
N THR A 230 -14.53 -3.52 4.84
CA THR A 230 -14.81 -2.50 3.82
C THR A 230 -16.07 -1.73 4.18
N GLU A 231 -16.01 -0.41 4.02
CA GLU A 231 -17.07 0.48 4.42
C GLU A 231 -17.80 1.02 3.21
N ARG A 232 -18.93 1.66 3.46
CA ARG A 232 -19.67 2.32 2.39
C ARG A 232 -19.16 3.74 2.20
N TYR A 233 -19.41 4.29 1.02
CA TYR A 233 -18.92 5.61 0.69
C TYR A 233 -19.65 6.67 1.51
N ALA A 234 -18.89 7.51 2.20
CA ALA A 234 -19.47 8.61 2.97
C ALA A 234 -19.76 9.78 2.05
N SER A 235 -21.01 10.23 2.03
CA SER A 235 -21.42 11.26 1.09
C SER A 235 -20.67 12.56 1.36
N ILE A 236 -20.24 13.21 0.28
CA ILE A 236 -19.54 14.49 0.36
C ILE A 236 -20.60 15.58 0.40
N ILE A 237 -20.68 16.29 1.52
CA ILE A 237 -21.68 17.32 1.75
C ILE A 237 -20.97 18.62 2.08
N GLU A 238 -21.42 19.71 1.45
CA GLU A 238 -20.82 21.01 1.67
C GLU A 238 -21.14 21.50 3.08
N GLY A 239 -20.10 21.83 3.84
CA GLY A 239 -20.24 22.22 5.22
C GLY A 239 -20.01 21.10 6.22
N VAL A 240 -19.93 19.85 5.76
CA VAL A 240 -19.67 18.70 6.63
C VAL A 240 -18.29 18.11 6.35
N ASN A 241 -18.07 17.60 5.13
CA ASN A 241 -16.76 17.11 4.72
C ASN A 241 -16.41 17.75 3.37
N ASP A 242 -15.92 18.99 3.44
CA ASP A 242 -15.27 19.63 2.31
C ASP A 242 -14.11 20.50 2.74
N THR A 243 -13.78 20.54 4.02
CA THR A 243 -12.80 21.45 4.59
C THR A 243 -12.39 20.91 5.95
N ALA A 244 -11.14 21.19 6.33
CA ALA A 244 -10.61 20.64 7.57
C ALA A 244 -11.39 21.13 8.78
N ASP A 245 -11.66 22.43 8.86
CA ASP A 245 -12.44 22.94 9.98
C ASP A 245 -13.89 22.49 9.92
N ASN A 246 -14.45 22.38 8.72
CA ASN A 246 -15.81 21.86 8.59
C ASN A 246 -15.90 20.43 9.11
N LEU A 247 -14.91 19.60 8.79
CA LEU A 247 -14.92 18.22 9.29
C LEU A 247 -14.69 18.17 10.79
N LEU A 248 -13.78 19.02 11.29
CA LEU A 248 -13.54 19.06 12.73
C LEU A 248 -14.78 19.49 13.50
N ASN A 249 -15.58 20.37 12.91
CA ASN A 249 -16.86 20.73 13.52
C ASN A 249 -17.89 19.62 13.35
N ALA A 250 -17.84 18.88 12.24
CA ALA A 250 -18.79 17.80 12.01
C ALA A 250 -18.58 16.66 12.99
N ILE A 251 -17.33 16.41 13.39
CA ILE A 251 -17.07 15.39 14.41
C ILE A 251 -17.74 15.79 15.73
N LYS A 252 -17.64 17.07 16.10
CA LYS A 252 -18.20 17.51 17.37
C LYS A 252 -19.72 17.58 17.32
N ASN A 253 -20.27 18.06 16.20
CA ASN A 253 -21.72 18.14 16.03
C ASN A 253 -22.37 16.78 15.85
N GLY A 254 -21.58 15.73 15.65
CA GLY A 254 -22.11 14.39 15.51
C GLY A 254 -22.91 14.17 14.24
N HIS A 255 -22.38 14.60 13.09
CA HIS A 255 -23.05 14.34 11.83
C HIS A 255 -23.06 12.85 11.54
N GLU A 256 -24.08 12.40 10.80
CA GLU A 256 -24.31 10.98 10.58
C GLU A 256 -23.66 10.46 9.31
N GLU A 257 -22.73 11.22 8.70
CA GLU A 257 -22.06 10.80 7.48
C GLU A 257 -20.54 10.95 7.63
N VAL A 258 -20.01 10.48 8.76
CA VAL A 258 -18.57 10.46 9.00
C VAL A 258 -18.18 9.03 9.33
N SER A 259 -17.31 8.45 8.51
CA SER A 259 -16.94 7.05 8.66
C SER A 259 -16.10 6.86 9.93
N PRO A 260 -16.11 5.65 10.50
CA PRO A 260 -15.15 5.34 11.57
C PRO A 260 -13.71 5.48 11.13
N SER A 261 -13.41 5.12 9.88
CA SER A 261 -12.06 5.27 9.36
C SER A 261 -11.63 6.72 9.32
N THR A 262 -12.57 7.64 9.05
CA THR A 262 -12.23 9.05 9.07
C THR A 262 -11.83 9.50 10.47
N VAL A 263 -12.50 8.97 11.50
CA VAL A 263 -12.12 9.29 12.88
C VAL A 263 -10.71 8.79 13.17
N PHE A 264 -10.39 7.57 12.73
CA PHE A 264 -9.04 7.07 12.95
C PHE A 264 -8.01 7.93 12.22
N ALA A 265 -8.31 8.30 10.96
CA ALA A 265 -7.37 9.10 10.19
C ALA A 265 -7.16 10.48 10.80
N VAL A 266 -8.24 11.11 11.28
CA VAL A 266 -8.15 12.41 11.92
C VAL A 266 -7.31 12.34 13.18
N SER A 267 -7.52 11.30 14.00
CA SER A 267 -6.71 11.13 15.20
C SER A 267 -5.24 10.95 14.84
N SER A 268 -4.96 10.17 13.79
CA SER A 268 -3.58 9.99 13.35
C SER A 268 -2.95 11.30 12.90
N ILE A 269 -3.70 12.12 12.16
CA ILE A 269 -3.16 13.39 11.68
C ILE A 269 -2.90 14.34 12.84
N LEU A 270 -3.76 14.33 13.86
CA LEU A 270 -3.53 15.19 15.02
C LEU A 270 -2.41 14.68 15.91
N GLU A 271 -2.04 13.40 15.83
CA GLU A 271 -0.91 12.90 16.61
C GLU A 271 0.39 12.81 15.82
N GLY A 272 0.37 13.08 14.51
CA GLY A 272 1.59 13.05 13.73
C GLY A 272 2.12 11.68 13.37
N VAL A 273 1.24 10.69 13.23
CA VAL A 273 1.64 9.36 12.79
C VAL A 273 1.10 9.14 11.38
N PRO A 274 1.82 8.40 10.53
CA PRO A 274 1.27 8.08 9.20
C PRO A 274 0.10 7.13 9.31
N PHE A 275 -0.86 7.30 8.39
CA PHE A 275 -2.03 6.45 8.31
C PHE A 275 -2.13 5.89 6.90
N ILE A 276 -2.25 4.57 6.79
CA ILE A 276 -2.41 3.89 5.52
C ILE A 276 -3.74 3.13 5.54
N ASN A 277 -4.57 3.37 4.54
CA ASN A 277 -5.88 2.73 4.43
C ASN A 277 -5.76 1.51 3.53
N GLY A 278 -6.08 0.34 4.08
CA GLY A 278 -6.01 -0.91 3.34
C GLY A 278 -7.36 -1.38 2.85
N SER A 279 -8.31 -0.46 2.71
CA SER A 279 -9.66 -0.80 2.30
C SER A 279 -10.11 0.15 1.19
N PRO A 280 -11.04 -0.28 0.33
CA PRO A 280 -11.45 0.55 -0.80
C PRO A 280 -12.29 1.78 -0.42
N GLN A 281 -12.74 1.90 0.82
CA GLN A 281 -13.63 3.00 1.17
C GLN A 281 -12.87 4.32 1.21
N ASN A 282 -13.61 5.42 1.04
CA ASN A 282 -13.03 6.76 0.95
C ASN A 282 -12.81 7.30 2.37
N THR A 283 -11.76 6.81 3.01
CA THR A 283 -11.41 7.29 4.34
C THR A 283 -11.06 8.78 4.31
N PHE A 284 -10.24 9.20 3.36
CA PHE A 284 -9.80 10.59 3.26
C PHE A 284 -10.77 11.35 2.37
N VAL A 285 -11.65 12.13 2.99
CA VAL A 285 -12.55 13.03 2.26
C VAL A 285 -11.84 14.37 2.09
N PRO A 286 -12.29 15.23 1.17
CA PRO A 286 -11.81 16.62 1.17
C PRO A 286 -11.99 17.27 2.54
N GLY A 287 -10.89 17.63 3.17
CA GLY A 287 -10.92 18.08 4.55
C GLY A 287 -10.01 17.24 5.42
N CYS A 288 -10.02 15.92 5.18
CA CYS A 288 -9.00 15.07 5.78
C CYS A 288 -7.65 15.26 5.08
N ILE A 289 -7.67 15.36 3.75
CA ILE A 289 -6.46 15.64 2.99
C ILE A 289 -5.93 17.02 3.34
N GLU A 290 -6.82 18.02 3.41
CA GLU A 290 -6.38 19.38 3.72
C GLU A 290 -5.85 19.46 5.15
N LEU A 291 -6.46 18.72 6.08
CA LEU A 291 -5.92 18.66 7.44
C LEU A 291 -4.55 18.00 7.46
N ALA A 292 -4.37 16.96 6.65
CA ALA A 292 -3.06 16.31 6.55
C ALA A 292 -2.00 17.26 6.00
N GLU A 293 -2.36 18.06 4.99
CA GLU A 293 -1.41 19.02 4.44
C GLU A 293 -1.17 20.18 5.39
N ARG A 294 -2.16 20.52 6.20
CA ARG A 294 -2.03 21.62 7.16
C ARG A 294 -1.20 21.21 8.37
N HIS A 295 -1.18 19.93 8.71
CA HIS A 295 -0.39 19.47 9.84
C HIS A 295 0.94 18.83 9.45
N GLY A 296 1.06 18.32 8.22
CA GLY A 296 2.26 17.62 7.82
C GLY A 296 2.23 16.12 8.06
N ALA A 297 1.05 15.52 8.19
CA ALA A 297 0.92 14.10 8.47
C ALA A 297 0.84 13.32 7.15
N PHE A 298 1.49 12.15 7.14
CA PHE A 298 1.55 11.32 5.94
C PHE A 298 0.34 10.42 5.88
N ILE A 299 -0.27 10.32 4.69
CA ILE A 299 -1.42 9.46 4.46
C ILE A 299 -1.18 8.66 3.19
N GLY A 300 -1.59 7.39 3.20
CA GLY A 300 -1.37 6.49 2.09
C GLY A 300 -2.63 6.24 1.27
N GLY A 301 -2.46 5.41 0.25
CA GLY A 301 -3.54 5.10 -0.66
C GLY A 301 -4.59 4.17 -0.08
N ASP A 302 -5.34 3.50 -0.94
CA ASP A 302 -6.45 2.65 -0.52
C ASP A 302 -6.29 1.25 -1.09
N ASP A 303 -6.80 0.27 -0.34
CA ASP A 303 -6.90 -1.13 -0.76
C ASP A 303 -5.54 -1.81 -0.87
N PHE A 304 -5.54 -3.13 -1.10
CA PHE A 304 -4.33 -3.92 -1.21
C PHE A 304 -4.30 -4.61 -2.56
N LYS A 305 -3.20 -4.44 -3.29
CA LYS A 305 -3.03 -5.08 -4.60
C LYS A 305 -2.35 -6.43 -4.40
N SER A 306 -3.15 -7.44 -4.09
CA SER A 306 -2.63 -8.77 -3.78
C SER A 306 -3.50 -9.81 -4.48
N GLY A 307 -2.98 -10.43 -5.54
CA GLY A 307 -3.66 -11.53 -6.17
C GLY A 307 -4.07 -11.30 -7.61
N GLN A 308 -5.38 -11.24 -7.86
CA GLN A 308 -5.89 -11.11 -9.22
C GLN A 308 -5.64 -9.72 -9.78
N THR A 309 -5.66 -8.68 -8.94
CA THR A 309 -5.45 -7.32 -9.41
C THR A 309 -3.99 -7.07 -9.78
N LYS A 310 -3.06 -7.66 -9.03
CA LYS A 310 -1.63 -7.54 -9.35
C LYS A 310 -1.34 -8.18 -10.71
N MET A 311 -1.84 -9.40 -10.92
CA MET A 311 -1.68 -10.05 -12.21
C MET A 311 -2.41 -9.30 -13.32
N LYS A 312 -3.55 -8.68 -12.99
CA LYS A 312 -4.24 -7.86 -13.98
C LYS A 312 -3.39 -6.66 -14.38
N SER A 313 -2.74 -6.02 -13.42
CA SER A 313 -1.87 -4.88 -13.72
C SER A 313 -0.70 -5.32 -14.59
N ALA A 314 -0.16 -6.51 -14.33
CA ALA A 314 0.90 -7.02 -15.20
C ALA A 314 0.38 -7.31 -16.61
N LEU A 315 -0.75 -8.03 -16.70
CA LEU A 315 -1.20 -8.56 -17.97
C LEU A 315 -1.76 -7.49 -18.88
N VAL A 316 -2.58 -6.58 -18.34
CA VAL A 316 -3.15 -5.53 -19.17
C VAL A 316 -2.06 -4.65 -19.73
N ASP A 317 -1.07 -4.32 -18.90
CA ASP A 317 0.09 -3.57 -19.36
C ASP A 317 0.82 -4.32 -20.46
N PHE A 318 1.09 -5.61 -20.26
CA PHE A 318 1.82 -6.39 -21.25
C PHE A 318 1.05 -6.47 -22.57
N LEU A 319 -0.27 -6.68 -22.50
CA LEU A 319 -1.06 -6.90 -23.70
C LEU A 319 -1.28 -5.61 -24.48
N ILE A 320 -1.53 -4.51 -23.78
CA ILE A 320 -1.77 -3.25 -24.49
C ILE A 320 -0.46 -2.64 -24.98
N ASN A 321 0.64 -2.90 -24.28
CA ASN A 321 1.94 -2.42 -24.74
C ASN A 321 2.51 -3.25 -25.88
N ALA A 322 1.86 -4.36 -26.24
CA ALA A 322 2.31 -5.24 -27.31
C ALA A 322 1.49 -5.09 -28.59
N GLY A 323 0.42 -4.32 -28.55
CA GLY A 323 -0.41 -4.10 -29.73
C GLY A 323 -1.66 -4.95 -29.80
N ILE A 324 -2.07 -5.59 -28.70
CA ILE A 324 -3.29 -6.41 -28.66
C ILE A 324 -4.38 -5.58 -28.01
N LYS A 325 -5.53 -5.47 -28.68
CA LYS A 325 -6.62 -4.62 -28.24
C LYS A 325 -7.54 -5.42 -27.31
N LEU A 326 -7.48 -5.11 -26.01
CA LEU A 326 -8.36 -5.76 -25.05
C LEU A 326 -9.77 -5.21 -25.19
N THR A 327 -10.74 -6.09 -25.43
CA THR A 327 -12.14 -5.70 -25.54
C THR A 327 -12.97 -6.12 -24.35
N SER A 328 -12.59 -7.19 -23.64
CA SER A 328 -13.33 -7.65 -22.48
C SER A 328 -12.36 -8.11 -21.40
N ILE A 329 -12.65 -7.69 -20.17
CA ILE A 329 -12.00 -8.23 -18.97
C ILE A 329 -13.09 -8.64 -18.01
N ALA A 330 -13.10 -9.91 -17.61
CA ALA A 330 -14.13 -10.45 -16.73
C ALA A 330 -13.44 -11.11 -15.54
N SER A 331 -13.57 -10.49 -14.37
CA SER A 331 -12.95 -11.01 -13.15
C SER A 331 -14.05 -11.62 -12.28
N TYR A 332 -13.88 -12.89 -11.92
CA TYR A 332 -14.79 -13.58 -11.02
C TYR A 332 -14.01 -14.09 -9.82
N ASN A 333 -14.48 -13.76 -8.62
CA ASN A 333 -13.91 -14.25 -7.38
C ASN A 333 -15.02 -14.71 -6.46
N HIS A 334 -14.80 -15.83 -5.79
CA HIS A 334 -15.65 -16.26 -4.70
C HIS A 334 -14.79 -16.70 -3.54
N LEU A 335 -15.20 -16.31 -2.33
CA LEU A 335 -14.39 -16.55 -1.14
C LEU A 335 -15.32 -16.70 0.07
N GLY A 336 -14.81 -17.31 1.12
CA GLY A 336 -15.63 -17.68 2.26
C GLY A 336 -15.11 -17.27 3.63
N ASN A 337 -14.51 -16.10 3.72
CA ASN A 337 -14.05 -15.54 4.98
C ASN A 337 -14.99 -14.41 5.41
N ASN A 338 -14.65 -13.75 6.51
CA ASN A 338 -15.45 -12.62 6.96
C ASN A 338 -15.37 -11.45 5.98
N ASP A 339 -14.31 -11.40 5.16
CA ASP A 339 -14.23 -10.40 4.11
C ASP A 339 -15.32 -10.60 3.05
N GLY A 340 -15.51 -11.84 2.61
CA GLY A 340 -16.57 -12.12 1.65
C GLY A 340 -17.95 -12.01 2.26
N LYS A 341 -18.06 -12.29 3.56
CA LYS A 341 -19.35 -12.14 4.24
C LYS A 341 -19.73 -10.67 4.36
N ASN A 342 -18.76 -9.79 4.58
CA ASN A 342 -19.08 -8.36 4.64
C ASN A 342 -19.36 -7.78 3.26
N LEU A 343 -18.74 -8.33 2.22
CA LEU A 343 -18.96 -7.88 0.85
C LEU A 343 -20.18 -8.52 0.21
N SER A 344 -20.90 -9.38 0.95
CA SER A 344 -22.17 -9.91 0.47
C SER A 344 -23.28 -8.86 0.46
N SER A 345 -23.04 -7.70 1.07
CA SER A 345 -23.98 -6.59 1.01
C SER A 345 -23.57 -5.66 -0.13
N GLN A 346 -24.59 -5.14 -0.84
CA GLN A 346 -24.33 -4.35 -2.04
C GLN A 346 -23.57 -3.06 -1.73
N ARG A 347 -23.97 -2.36 -0.66
CA ARG A 347 -23.36 -1.08 -0.35
C ARG A 347 -21.88 -1.21 0.00
N GLN A 348 -21.48 -2.35 0.55
CA GLN A 348 -20.07 -2.59 0.86
C GLN A 348 -19.33 -3.26 -0.29
N PHE A 349 -20.05 -3.95 -1.18
CA PHE A 349 -19.44 -4.53 -2.36
C PHE A 349 -19.12 -3.47 -3.42
N ARG A 350 -19.90 -2.38 -3.44
CA ARG A 350 -19.70 -1.35 -4.45
C ARG A 350 -18.31 -0.72 -4.35
N SER A 351 -17.82 -0.50 -3.13
CA SER A 351 -16.51 0.10 -2.95
C SER A 351 -15.41 -0.78 -3.51
N LYS A 352 -15.45 -2.08 -3.20
CA LYS A 352 -14.44 -3.00 -3.73
C LYS A 352 -14.54 -3.11 -5.24
N GLU A 353 -15.76 -3.12 -5.78
CA GLU A 353 -15.92 -3.20 -7.23
C GLU A 353 -15.35 -1.96 -7.92
N ILE A 354 -15.58 -0.78 -7.35
CA ILE A 354 -15.02 0.45 -7.90
C ILE A 354 -13.50 0.40 -7.83
N SER A 355 -12.95 -0.06 -6.71
CA SER A 355 -11.50 -0.14 -6.56
C SER A 355 -10.90 -1.09 -7.60
N LYS A 356 -11.55 -2.23 -7.83
CA LYS A 356 -11.01 -3.20 -8.78
C LYS A 356 -11.18 -2.77 -10.22
N SER A 357 -12.22 -1.97 -10.51
CA SER A 357 -12.55 -1.66 -11.90
C SER A 357 -11.71 -0.53 -12.49
N ASN A 358 -10.99 0.23 -11.68
CA ASN A 358 -10.31 1.44 -12.14
C ASN A 358 -8.80 1.26 -12.28
N VAL A 359 -8.36 0.02 -12.51
CA VAL A 359 -6.92 -0.24 -12.64
C VAL A 359 -6.44 -0.20 -14.08
N VAL A 360 -7.35 -0.19 -15.06
CA VAL A 360 -6.99 -0.30 -16.47
C VAL A 360 -7.26 0.97 -17.26
N ASP A 361 -7.86 1.99 -16.65
CA ASP A 361 -8.21 3.19 -17.41
C ASP A 361 -6.97 3.95 -17.86
N ASP A 362 -5.91 3.97 -17.05
CA ASP A 362 -4.69 4.68 -17.42
C ASP A 362 -3.97 3.99 -18.57
N MET A 363 -4.02 2.66 -18.61
CA MET A 363 -3.37 1.93 -19.69
C MET A 363 -4.10 2.09 -21.02
N VAL A 364 -5.43 2.24 -20.99
CA VAL A 364 -6.19 2.43 -22.21
C VAL A 364 -6.14 3.90 -22.67
N GLU A 365 -5.93 4.85 -21.75
CA GLU A 365 -5.69 6.22 -22.21
C GLU A 365 -4.27 6.44 -22.70
N ALA A 366 -3.30 5.59 -22.31
CA ALA A 366 -1.95 5.77 -22.85
C ALA A 366 -1.82 5.29 -24.30
N ASN A 367 -2.60 4.30 -24.72
CA ASN A 367 -2.52 3.75 -26.08
C ASN A 367 -3.60 4.40 -26.93
N THR A 368 -3.25 5.51 -27.57
CA THR A 368 -4.16 6.20 -28.47
C THR A 368 -4.14 5.62 -29.88
N VAL A 369 -3.29 4.61 -30.13
CA VAL A 369 -3.28 3.92 -31.41
C VAL A 369 -4.38 2.87 -31.47
N LEU A 370 -4.66 2.22 -30.34
CA LEU A 370 -5.69 1.19 -30.29
C LEU A 370 -7.05 1.75 -29.88
N TYR A 371 -7.10 2.57 -28.83
CA TYR A 371 -8.34 3.05 -28.25
C TYR A 371 -8.59 4.49 -28.66
N LYS A 372 -9.76 4.74 -29.24
CA LYS A 372 -10.17 6.08 -29.53
C LYS A 372 -10.60 6.79 -28.25
N PRO A 373 -10.61 8.12 -28.24
CA PRO A 373 -11.07 8.83 -27.05
C PRO A 373 -12.50 8.40 -26.71
N GLY A 374 -12.70 7.96 -25.47
CA GLY A 374 -13.96 7.42 -25.05
C GLY A 374 -14.14 5.93 -25.24
N GLU A 375 -13.15 5.24 -25.79
CA GLU A 375 -13.23 3.80 -26.01
C GLU A 375 -12.66 3.07 -24.80
N HIS A 376 -13.51 2.29 -24.12
CA HIS A 376 -13.09 1.51 -22.98
C HIS A 376 -13.56 0.07 -23.14
N PRO A 377 -12.76 -0.89 -22.71
CA PRO A 377 -13.20 -2.30 -22.78
C PRO A 377 -14.29 -2.59 -21.76
N ASP A 378 -14.96 -3.71 -21.97
CA ASP A 378 -16.01 -4.18 -21.06
C ASP A 378 -15.36 -4.81 -19.85
N HIS A 379 -15.35 -4.09 -18.73
CA HIS A 379 -14.70 -4.53 -17.50
C HIS A 379 -15.78 -4.89 -16.48
N ILE A 380 -15.88 -6.18 -16.16
CA ILE A 380 -16.85 -6.67 -15.18
C ILE A 380 -16.09 -7.31 -14.03
N VAL A 381 -16.55 -7.06 -12.81
CA VAL A 381 -15.96 -7.61 -11.60
C VAL A 381 -17.07 -8.19 -10.75
N VAL A 382 -16.93 -9.45 -10.35
CA VAL A 382 -17.91 -10.15 -9.54
C VAL A 382 -17.20 -10.76 -8.33
N ILE A 383 -17.76 -10.53 -7.14
CA ILE A 383 -17.25 -11.11 -5.91
C ILE A 383 -18.42 -11.77 -5.18
N LYS A 384 -18.25 -13.04 -4.82
CA LYS A 384 -19.32 -13.81 -4.23
C LYS A 384 -18.83 -14.50 -2.96
N TYR A 385 -19.79 -14.82 -2.09
CA TYR A 385 -19.51 -15.42 -0.79
C TYR A 385 -19.84 -16.91 -0.85
N VAL A 386 -18.80 -17.73 -0.81
CA VAL A 386 -18.93 -19.18 -0.76
C VAL A 386 -18.24 -19.67 0.52
N PRO A 387 -19.00 -19.92 1.59
CA PRO A 387 -18.37 -20.24 2.88
C PRO A 387 -17.51 -21.48 2.88
N ALA A 388 -17.71 -22.41 1.94
CA ALA A 388 -16.99 -23.68 1.96
C ALA A 388 -15.54 -23.55 1.55
N VAL A 389 -15.17 -22.54 0.76
CA VAL A 389 -13.80 -22.43 0.28
C VAL A 389 -12.87 -21.74 1.28
N GLY A 390 -13.41 -20.97 2.22
CA GLY A 390 -12.57 -20.39 3.25
C GLY A 390 -11.70 -19.26 2.72
N ASP A 391 -10.46 -19.19 3.25
CA ASP A 391 -9.54 -18.14 2.86
C ASP A 391 -8.99 -18.34 1.45
N SER A 392 -9.12 -19.53 0.88
CA SER A 392 -8.60 -19.82 -0.45
C SER A 392 -9.53 -19.18 -1.47
N LYS A 393 -9.14 -17.99 -1.95
CA LYS A 393 -9.92 -17.31 -2.97
C LYS A 393 -9.68 -17.96 -4.34
N ARG A 394 -10.76 -18.24 -5.06
CA ARG A 394 -10.68 -18.78 -6.42
C ARG A 394 -11.04 -17.65 -7.37
N ALA A 395 -10.07 -17.23 -8.17
CA ALA A 395 -10.26 -16.16 -9.15
C ALA A 395 -10.22 -16.75 -10.54
N MET A 396 -11.20 -16.37 -11.36
CA MET A 396 -11.25 -16.77 -12.77
C MET A 396 -11.31 -15.52 -13.63
N ASP A 397 -10.32 -15.36 -14.50
CA ASP A 397 -10.22 -14.21 -15.39
C ASP A 397 -10.34 -14.65 -16.83
N GLU A 398 -11.08 -13.88 -17.61
CA GLU A 398 -11.15 -14.04 -19.06
C GLU A 398 -10.73 -12.74 -19.70
N TYR A 399 -9.62 -12.77 -20.42
CA TYR A 399 -9.14 -11.63 -21.18
C TYR A 399 -9.39 -11.91 -22.66
N HIS A 400 -10.25 -11.09 -23.28
CA HIS A 400 -10.60 -11.24 -24.68
C HIS A 400 -9.98 -10.09 -25.45
N GLY A 401 -9.26 -10.41 -26.53
CA GLY A 401 -8.46 -9.42 -27.23
C GLY A 401 -8.56 -9.59 -28.74
N GLU A 402 -8.31 -8.48 -29.43
CA GLU A 402 -8.33 -8.44 -30.89
C GLU A 402 -6.90 -8.29 -31.40
N ILE A 403 -6.52 -9.13 -32.36
CA ILE A 403 -5.16 -9.19 -32.86
C ILE A 403 -5.19 -9.12 -34.39
N PHE A 404 -4.00 -9.28 -34.98
CA PHE A 404 -3.76 -9.06 -36.41
C PHE A 404 -4.87 -9.60 -37.30
N LEU A 405 -5.33 -8.74 -38.22
CA LEU A 405 -6.33 -9.09 -39.23
C LEU A 405 -7.66 -9.52 -38.60
N GLY A 406 -7.96 -9.01 -37.41
CA GLY A 406 -9.22 -9.32 -36.77
C GLY A 406 -9.25 -10.63 -36.01
N GLY A 407 -8.09 -11.20 -35.69
CA GLY A 407 -8.07 -12.44 -34.94
C GLY A 407 -8.48 -12.25 -33.49
N HIS A 408 -8.90 -13.35 -32.88
CA HIS A 408 -9.36 -13.35 -31.49
C HIS A 408 -8.37 -14.11 -30.63
N GLN A 409 -7.93 -13.48 -29.54
CA GLN A 409 -7.16 -14.13 -28.51
C GLN A 409 -7.98 -14.17 -27.23
N THR A 410 -8.05 -15.35 -26.61
CA THR A 410 -8.68 -15.50 -25.31
C THR A 410 -7.67 -16.08 -24.34
N ILE A 411 -7.58 -15.48 -23.16
CA ILE A 411 -6.70 -15.95 -22.09
C ILE A 411 -7.57 -16.21 -20.88
N SER A 412 -7.63 -17.46 -20.45
CA SER A 412 -8.43 -17.87 -19.30
C SER A 412 -7.47 -18.26 -18.18
N ILE A 413 -7.63 -17.62 -17.03
CA ILE A 413 -6.74 -17.82 -15.89
C ILE A 413 -7.55 -18.30 -14.70
N ALA A 414 -7.09 -19.38 -14.08
CA ALA A 414 -7.65 -19.89 -12.83
C ALA A 414 -6.57 -19.73 -11.76
N ASN A 415 -6.84 -18.88 -10.77
CA ASN A 415 -5.91 -18.60 -9.69
C ASN A 415 -6.50 -19.11 -8.38
N VAL A 416 -5.76 -19.96 -7.69
CA VAL A 416 -6.12 -20.42 -6.35
C VAL A 416 -5.13 -19.78 -5.39
N CYS A 417 -5.56 -18.75 -4.68
CA CYS A 417 -4.66 -17.92 -3.89
C CYS A 417 -5.18 -17.80 -2.46
N GLU A 418 -4.27 -17.96 -1.50
CA GLU A 418 -4.57 -17.72 -0.10
CA GLU A 418 -4.58 -17.71 -0.09
C GLU A 418 -4.55 -16.21 0.13
N ASP A 419 -5.71 -15.62 0.39
CA ASP A 419 -5.81 -14.15 0.43
C ASP A 419 -4.91 -13.54 1.51
N SER A 420 -4.94 -14.10 2.72
CA SER A 420 -4.20 -13.53 3.83
C SER A 420 -2.69 -13.68 3.67
N LEU A 421 -2.25 -14.77 3.04
CA LEU A 421 -0.84 -15.03 2.76
C LEU A 421 -0.31 -14.23 1.58
N LEU A 422 -1.17 -13.60 0.80
CA LEU A 422 -0.74 -12.68 -0.24
C LEU A 422 -0.84 -11.22 0.18
N ALA A 423 -1.64 -10.91 1.20
CA ALA A 423 -1.71 -9.53 1.67
C ALA A 423 -0.80 -9.22 2.85
N SER A 424 -0.40 -10.21 3.65
CA SER A 424 0.48 -9.92 4.79
C SER A 424 1.82 -9.32 4.39
N PRO A 425 2.59 -9.87 3.45
CA PRO A 425 3.85 -9.22 3.05
C PRO A 425 3.65 -7.85 2.46
N LEU A 426 2.48 -7.58 1.86
CA LEU A 426 2.17 -6.24 1.39
C LEU A 426 2.11 -5.26 2.54
N ILE A 427 1.54 -5.67 3.67
CA ILE A 427 1.50 -4.79 4.83
C ILE A 427 2.90 -4.52 5.37
N ILE A 428 3.75 -5.54 5.38
CA ILE A 428 5.16 -5.35 5.78
C ILE A 428 5.83 -4.37 4.84
N ASP A 429 5.63 -4.53 3.53
CA ASP A 429 6.21 -3.62 2.55
C ASP A 429 5.74 -2.20 2.78
N LEU A 430 4.43 -2.02 3.00
CA LEU A 430 3.87 -0.70 3.19
C LEU A 430 4.48 -0.01 4.40
N VAL A 431 4.57 -0.72 5.53
CA VAL A 431 5.09 -0.08 6.73
C VAL A 431 6.57 0.24 6.59
N ILE A 432 7.34 -0.67 5.96
CA ILE A 432 8.77 -0.44 5.83
C ILE A 432 9.04 0.76 4.92
N VAL A 433 8.33 0.85 3.79
CA VAL A 433 8.54 1.96 2.87
C VAL A 433 8.05 3.27 3.48
N ALA A 434 6.92 3.23 4.21
CA ALA A 434 6.43 4.45 4.84
C ALA A 434 7.39 4.95 5.90
N GLU A 435 7.95 4.05 6.70
CA GLU A 435 8.94 4.46 7.68
C GLU A 435 10.16 5.09 7.00
N LEU A 436 10.62 4.50 5.90
CA LEU A 436 11.74 5.11 5.18
C LEU A 436 11.38 6.50 4.66
N MET A 437 10.16 6.66 4.15
CA MET A 437 9.77 7.96 3.59
C MET A 437 9.66 9.03 4.67
N THR A 438 9.43 8.64 5.93
CA THR A 438 9.47 9.59 7.03
C THR A 438 10.89 10.05 7.35
N ARG A 439 11.90 9.43 6.74
CA ARG A 439 13.29 9.73 7.03
C ARG A 439 14.04 10.36 5.85
N ILE A 440 13.33 10.81 4.82
CA ILE A 440 13.95 11.37 3.62
C ILE A 440 13.47 12.81 3.46
N GLN A 441 14.43 13.72 3.24
CA GLN A 441 14.13 15.12 2.99
C GLN A 441 14.80 15.55 1.70
N TRP A 442 14.25 16.61 1.10
CA TRP A 442 14.69 17.08 -0.21
C TRP A 442 14.75 18.60 -0.20
N ARG A 443 15.52 19.14 -1.15
CA ARG A 443 15.53 20.57 -1.40
C ARG A 443 16.10 20.81 -2.79
N LEU A 444 15.95 22.05 -3.26
CA LEU A 444 16.51 22.46 -4.54
C LEU A 444 17.95 22.91 -4.34
N HIS A 445 18.82 22.55 -5.28
CA HIS A 445 20.24 22.85 -5.17
C HIS A 445 20.46 24.32 -5.50
N LYS A 446 20.87 25.10 -4.50
CA LYS A 446 21.19 26.51 -4.67
C LYS A 446 22.60 26.75 -4.14
N GLU A 447 23.17 27.88 -4.55
CA GLU A 447 24.51 28.24 -4.10
C GLU A 447 24.54 28.80 -2.69
N ASP A 448 23.38 29.04 -2.07
CA ASP A 448 23.32 29.60 -0.73
C ASP A 448 22.28 28.88 0.13
N ALA A 449 22.04 27.60 -0.14
CA ALA A 449 20.99 26.86 0.57
C ALA A 449 21.32 26.73 2.04
N THR A 450 20.30 26.84 2.88
CA THR A 450 20.42 26.73 4.33
C THR A 450 19.72 25.46 4.82
N GLU A 451 19.84 25.22 6.12
CA GLU A 451 19.19 24.06 6.72
C GLU A 451 17.68 24.23 6.81
N ALA A 452 17.18 25.47 6.80
CA ALA A 452 15.75 25.72 6.87
C ALA A 452 15.01 25.39 5.58
N ASP A 453 15.73 25.13 4.49
CA ASP A 453 15.11 24.84 3.20
C ASP A 453 14.80 23.37 3.00
N TRP A 454 15.07 22.53 3.99
CA TRP A 454 14.78 21.10 3.87
C TRP A 454 13.28 20.87 3.96
N LYS A 455 12.75 20.07 3.04
CA LYS A 455 11.33 19.77 2.97
C LYS A 455 11.13 18.27 2.90
N TYR A 456 9.94 17.82 3.29
CA TYR A 456 9.56 16.43 3.23
C TYR A 456 8.82 16.14 1.93
N PHE A 457 8.62 14.85 1.67
CA PHE A 457 7.76 14.44 0.57
C PHE A 457 6.32 14.85 0.88
N HIS A 458 5.51 14.95 -0.17
CA HIS A 458 4.14 15.41 0.01
C HIS A 458 3.37 14.44 0.91
N SER A 459 2.40 14.99 1.65
CA SER A 459 1.70 14.22 2.68
C SER A 459 1.07 12.96 2.10
N VAL A 460 0.65 12.99 0.85
CA VAL A 460 0.08 11.82 0.18
C VAL A 460 1.24 11.03 -0.42
N LEU A 461 1.49 9.84 0.13
CA LEU A 461 2.59 8.98 -0.29
C LEU A 461 2.15 8.16 -1.50
N SER A 462 2.45 8.65 -2.70
CA SER A 462 2.20 7.88 -3.90
C SER A 462 3.29 6.85 -4.18
N ILE A 463 4.43 6.93 -3.52
CA ILE A 463 5.49 5.94 -3.68
C ILE A 463 5.08 4.57 -3.18
N LEU A 464 3.98 4.48 -2.44
CA LEU A 464 3.43 3.21 -2.00
C LEU A 464 2.53 2.57 -3.04
N SER A 465 2.37 3.18 -4.21
CA SER A 465 1.35 2.76 -5.18
C SER A 465 1.56 1.33 -5.66
N TYR A 466 2.76 0.77 -5.50
CA TYR A 466 2.98 -0.62 -5.91
C TYR A 466 2.10 -1.57 -5.12
N MET A 467 1.90 -1.31 -3.83
CA MET A 467 1.14 -2.19 -2.95
C MET A 467 -0.33 -1.81 -2.83
N LEU A 468 -0.79 -0.79 -3.55
CA LEU A 468 -2.13 -0.25 -3.38
C LEU A 468 -2.94 -0.41 -4.66
N LYS A 469 -4.17 -0.92 -4.53
CA LYS A 469 -5.03 -1.13 -5.68
C LYS A 469 -5.62 0.18 -6.20
N ALA A 470 -6.03 1.07 -5.30
CA ALA A 470 -6.58 2.36 -5.65
C ALA A 470 -5.61 3.43 -5.16
N PRO A 471 -4.58 3.75 -5.95
CA PRO A 471 -3.55 4.67 -5.46
C PRO A 471 -4.11 6.07 -5.25
N MET A 472 -3.77 6.65 -4.11
CA MET A 472 -4.12 8.03 -3.79
C MET A 472 -2.90 8.90 -4.07
N THR A 473 -3.08 9.92 -4.90
CA THR A 473 -2.01 10.79 -5.34
C THR A 473 -2.24 12.20 -4.83
N PRO A 474 -1.20 13.03 -4.79
CA PRO A 474 -1.37 14.41 -4.36
C PRO A 474 -2.42 15.11 -5.20
N PRO A 475 -3.22 15.98 -4.58
CA PRO A 475 -4.40 16.57 -5.27
C PRO A 475 -4.01 17.30 -6.54
N GLY A 476 -4.53 16.82 -7.66
CA GLY A 476 -4.30 17.43 -8.95
C GLY A 476 -3.33 16.68 -9.84
N THR A 477 -2.84 15.52 -9.42
CA THR A 477 -1.84 14.77 -10.18
C THR A 477 -2.43 13.46 -10.70
N PRO A 478 -1.89 12.93 -11.80
CA PRO A 478 -2.40 11.67 -12.36
C PRO A 478 -1.99 10.47 -11.52
N VAL A 479 -2.63 9.34 -11.81
CA VAL A 479 -2.45 8.10 -11.07
C VAL A 479 -1.76 7.07 -11.97
N VAL A 480 -0.78 6.38 -11.40
CA VAL A 480 -0.03 5.34 -12.09
C VAL A 480 -0.49 3.99 -11.56
N ASN A 481 -0.93 3.11 -12.45
CA ASN A 481 -1.46 1.81 -12.06
C ASN A 481 -0.70 0.62 -12.61
N ALA A 482 0.29 0.83 -13.48
CA ALA A 482 1.07 -0.28 -14.03
C ALA A 482 2.07 -0.77 -12.99
N LEU A 483 2.11 -2.09 -12.80
CA LEU A 483 2.94 -2.67 -11.75
C LEU A 483 4.43 -2.43 -12.02
N ALA A 484 4.86 -2.67 -13.26
CA ALA A 484 6.27 -2.47 -13.61
C ALA A 484 6.66 -1.01 -13.44
N LYS A 485 5.79 -0.09 -13.84
CA LYS A 485 6.07 1.34 -13.69
C LYS A 485 6.21 1.72 -12.21
N GLN A 486 5.34 1.18 -11.35
CA GLN A 486 5.41 1.52 -9.94
C GLN A 486 6.68 0.94 -9.29
N ARG A 487 7.02 -0.30 -9.63
CA ARG A 487 8.25 -0.89 -9.09
C ARG A 487 9.48 -0.11 -9.57
N ALA A 488 9.50 0.28 -10.85
CA ALA A 488 10.60 1.07 -11.36
C ALA A 488 10.66 2.44 -10.68
N ALA A 489 9.49 3.03 -10.40
CA ALA A 489 9.46 4.30 -9.69
C ALA A 489 10.08 4.17 -8.31
N MET A 490 9.70 3.13 -7.57
CA MET A 490 10.26 2.92 -6.25
C MET A 490 11.77 2.72 -6.32
N ALA A 491 12.23 1.86 -7.24
CA ALA A 491 13.65 1.56 -7.34
C ALA A 491 14.45 2.80 -7.73
N ASN A 492 13.95 3.57 -8.69
CA ASN A 492 14.70 4.73 -9.17
C ASN A 492 14.67 5.88 -8.16
N ILE A 493 13.59 6.02 -7.40
CA ILE A 493 13.58 7.01 -6.33
C ILE A 493 14.56 6.61 -5.23
N PHE A 494 14.64 5.31 -4.93
CA PHE A 494 15.63 4.86 -3.95
C PHE A 494 17.04 5.08 -4.45
N ARG A 495 17.28 4.90 -5.76
CA ARG A 495 18.61 5.13 -6.30
C ARG A 495 18.94 6.60 -6.40
N ALA A 496 17.92 7.47 -6.53
CA ALA A 496 18.17 8.91 -6.60
C ALA A 496 18.72 9.45 -5.28
N CYS A 497 18.31 8.86 -4.16
CA CYS A 497 18.86 9.25 -2.86
C CYS A 497 20.31 8.82 -2.70
N LEU A 498 20.81 7.95 -3.58
CA LEU A 498 22.20 7.53 -3.58
C LEU A 498 23.01 8.20 -4.69
N GLY A 499 22.42 9.15 -5.41
CA GLY A 499 23.11 9.82 -6.48
C GLY A 499 23.31 8.99 -7.73
N LEU A 500 22.65 7.84 -7.84
CA LEU A 500 22.81 6.94 -8.96
C LEU A 500 21.75 7.20 -10.03
N ASP A 501 22.12 6.97 -11.29
CA ASP A 501 21.23 7.24 -12.39
C ASP A 501 20.21 6.12 -12.56
N PRO A 502 19.01 6.43 -13.07
CA PRO A 502 17.98 5.41 -13.22
C PRO A 502 18.38 4.34 -14.23
N GLU A 503 17.85 3.13 -14.03
CA GLU A 503 18.12 2.04 -14.95
C GLU A 503 17.43 2.32 -16.28
N ASN A 504 18.19 2.18 -17.36
CA ASN A 504 17.69 2.42 -18.71
C ASN A 504 17.55 1.16 -19.55
N ASP A 505 18.23 0.07 -19.18
CA ASP A 505 18.19 -1.22 -19.86
C ASP A 505 18.73 -1.17 -21.27
N MET A 506 19.42 -0.11 -21.66
CA MET A 506 19.90 0.01 -23.03
C MET A 506 21.07 -0.95 -23.29
N THR A 507 22.05 -0.99 -22.39
CA THR A 507 23.23 -1.85 -22.52
C THR A 507 23.92 -1.57 -23.86
N LEU A 508 24.47 -0.36 -23.94
CA LEU A 508 25.18 0.03 -25.15
C LEU A 508 26.62 -0.46 -25.18
N GLU A 509 27.20 -0.77 -24.02
CA GLU A 509 28.55 -1.32 -23.99
C GLU A 509 28.64 -2.70 -24.61
N HIS A 510 27.52 -3.39 -24.76
CA HIS A 510 27.47 -4.69 -25.43
C HIS A 510 26.99 -4.60 -26.87
N LYS A 511 26.56 -3.43 -27.33
CA LYS A 511 26.11 -3.23 -28.70
C LYS A 511 27.06 -2.39 -29.54
N LEU A 512 27.80 -1.47 -28.92
CA LEU A 512 28.69 -0.54 -29.65
C LEU A 512 30.13 -0.88 -29.29
N PHE A 513 30.77 -1.68 -30.14
CA PHE A 513 32.19 -1.99 -29.98
C PHE A 513 32.75 -2.56 -31.27
#